data_4PIC
#
_entry.id   4PIC
#
_cell.length_a   44.434
_cell.length_b   75.753
_cell.length_c   47.717
_cell.angle_alpha   90.000
_cell.angle_beta   92.370
_cell.angle_gamma   90.000
#
_symmetry.space_group_name_H-M   'P 1 21 1'
#
loop_
_entity.id
_entity.type
_entity.pdbx_description
1 polymer 'Arginine phosphatase Ywle'
2 non-polymer 'PHOSPHATE ION'
3 non-polymer 'SULFATE ION'
4 water water
#
_entity_poly.entity_id   1
_entity_poly.type   'polypeptide(L)'
_entity_poly.pdbx_seq_one_letter_code
;(MSE)PYRILFVCTGNTCRSP(MSE)AAALLENKQLPGVEVKSAGVFAAEGSEASVHAK(MSE)VLKEKGIEAAHRSSQL
KKEHIDWATHVLA(MSE)TSGHKD(MSE)IVERFPEAKDKTFTLKQFVSGTDGDIADPFGGPIEVYRAARDELETLIDRL
AEKLQTEQLEHHHHHH
;
_entity_poly.pdbx_strand_id   A,B
#
# COMPACT_ATOMS: atom_id res chain seq x y z
N PRO A 2 -0.53 -1.27 -29.94
CA PRO A 2 0.64 -1.30 -29.08
C PRO A 2 0.25 -1.72 -27.66
N TYR A 3 1.17 -2.40 -26.99
CA TYR A 3 0.96 -2.83 -25.62
C TYR A 3 1.91 -2.13 -24.67
N ARG A 4 1.37 -1.64 -23.57
CA ARG A 4 2.18 -1.08 -22.50
C ARG A 4 1.83 -1.80 -21.19
N ILE A 5 2.68 -2.74 -20.84
CA ILE A 5 2.40 -3.65 -19.74
C ILE A 5 3.10 -3.16 -18.47
N LEU A 6 2.32 -2.93 -17.42
CA LEU A 6 2.82 -2.47 -16.14
C LEU A 6 2.61 -3.54 -15.08
N PHE A 7 3.71 -4.10 -14.57
CA PHE A 7 3.60 -5.10 -13.51
C PHE A 7 3.72 -4.42 -12.15
N VAL A 8 2.91 -4.85 -11.19
CA VAL A 8 2.84 -4.16 -9.90
C VAL A 8 2.88 -5.11 -8.69
N CYS A 9 3.75 -4.81 -7.72
CA CYS A 9 3.70 -5.43 -6.40
C CYS A 9 3.79 -4.31 -5.37
N THR A 10 4.31 -4.56 -4.17
CA THR A 10 4.35 -3.49 -3.17
C THR A 10 5.65 -2.72 -3.22
N GLY A 11 6.77 -3.41 -3.04
CA GLY A 11 8.06 -2.74 -2.92
C GLY A 11 8.79 -2.55 -4.25
N ASN A 12 8.29 -3.22 -5.30
CA ASN A 12 8.92 -3.19 -6.63
C ASN A 12 10.41 -3.56 -6.55
N THR A 13 10.72 -4.58 -5.74
CA THR A 13 12.09 -5.11 -5.67
C THR A 13 12.14 -6.60 -5.93
N CYS A 14 11.01 -7.29 -5.80
CA CYS A 14 11.01 -8.74 -5.88
C CYS A 14 10.15 -9.30 -7.03
N ARG A 15 8.85 -9.49 -6.83
CA ARG A 15 8.05 -10.12 -7.88
C ARG A 15 7.88 -9.28 -9.14
N SER A 16 7.44 -8.03 -9.02
CA SER A 16 7.19 -7.27 -10.25
C SER A 16 8.45 -7.02 -11.10
N PRO A 17 9.62 -6.79 -10.49
CA PRO A 17 10.81 -6.69 -11.35
C PRO A 17 11.15 -8.00 -12.05
N ALA A 19 8.88 -10.23 -13.08
CA ALA A 19 7.90 -10.28 -14.16
C ALA A 19 8.34 -9.39 -15.31
N ALA A 20 8.73 -8.16 -15.00
CA ALA A 20 9.14 -7.22 -16.03
C ALA A 20 10.37 -7.73 -16.77
N ALA A 21 11.33 -8.27 -16.03
CA ALA A 21 12.55 -8.75 -16.67
C ALA A 21 12.28 -9.93 -17.60
N LEU A 22 11.42 -10.84 -17.15
CA LEU A 22 11.10 -12.01 -17.97
C LEU A 22 10.41 -11.59 -19.26
N LEU A 23 9.50 -10.62 -19.18
CA LEU A 23 8.79 -10.22 -20.39
C LEU A 23 9.70 -9.43 -21.30
N GLU A 24 10.49 -8.52 -20.73
CA GLU A 24 11.38 -7.67 -21.51
C GLU A 24 12.42 -8.51 -22.23
N ASN A 25 12.87 -9.59 -21.59
CA ASN A 25 13.86 -10.46 -22.20
C ASN A 25 13.39 -11.05 -23.54
N LYS A 26 12.08 -11.19 -23.71
CA LYS A 26 11.55 -11.75 -24.96
C LYS A 26 11.63 -10.78 -26.13
N GLN A 27 11.77 -9.48 -25.84
CA GLN A 27 11.89 -8.46 -26.87
C GLN A 27 10.76 -8.57 -27.90
N LEU A 28 9.53 -8.65 -27.40
CA LEU A 28 8.39 -8.77 -28.29
C LEU A 28 8.14 -7.45 -29.00
N PRO A 29 8.07 -7.48 -30.34
CA PRO A 29 7.72 -6.26 -31.08
C PRO A 29 6.39 -5.68 -30.61
N GLY A 30 6.29 -4.37 -30.48
CA GLY A 30 5.03 -3.74 -30.13
C GLY A 30 4.65 -3.86 -28.66
N VAL A 31 5.59 -4.31 -27.83
CA VAL A 31 5.33 -4.46 -26.40
C VAL A 31 6.37 -3.70 -25.58
N GLU A 32 5.89 -2.79 -24.74
CA GLU A 32 6.74 -2.08 -23.78
C GLU A 32 6.37 -2.55 -22.37
N VAL A 33 7.37 -2.58 -21.50
CA VAL A 33 7.23 -3.14 -20.16
C VAL A 33 7.77 -2.18 -19.10
N LYS A 34 7.01 -1.99 -18.01
CA LYS A 34 7.49 -1.26 -16.85
C LYS A 34 7.01 -1.99 -15.62
N SER A 35 7.55 -1.62 -14.47
CA SER A 35 7.04 -2.11 -13.20
C SER A 35 7.07 -0.99 -12.18
N ALA A 36 6.20 -1.11 -11.18
CA ALA A 36 6.16 -0.15 -10.10
C ALA A 36 5.57 -0.82 -8.88
N GLY A 37 5.70 -0.15 -7.74
CA GLY A 37 5.21 -0.67 -6.48
C GLY A 37 4.19 0.23 -5.81
N VAL A 38 3.18 -0.38 -5.23
CA VAL A 38 2.14 0.37 -4.51
C VAL A 38 2.71 1.22 -3.36
N PHE A 39 3.81 0.79 -2.77
CA PHE A 39 4.39 1.51 -1.62
C PHE A 39 5.88 1.21 -1.68
N ALA A 40 6.60 1.99 -2.49
CA ALA A 40 7.98 1.66 -2.83
C ALA A 40 8.88 2.86 -2.81
N ALA A 41 10.15 2.62 -2.46
CA ALA A 41 11.19 3.63 -2.58
C ALA A 41 11.58 3.79 -4.06
N GLU A 42 12.22 4.92 -4.37
CA GLU A 42 12.70 5.18 -5.72
C GLU A 42 14.17 4.79 -5.82
N GLY A 43 14.52 4.06 -6.88
CA GLY A 43 15.92 3.83 -7.20
C GLY A 43 16.57 2.61 -6.57
N SER A 44 15.79 1.76 -5.90
CA SER A 44 16.34 0.55 -5.30
C SER A 44 16.59 -0.54 -6.33
N GLU A 45 17.64 -1.34 -6.11
CA GLU A 45 17.91 -2.48 -6.96
C GLU A 45 16.88 -3.57 -6.70
N ALA A 46 16.71 -4.48 -7.67
CA ALA A 46 15.99 -5.71 -7.39
C ALA A 46 16.73 -6.42 -6.27
N SER A 47 16.01 -7.18 -5.45
CA SER A 47 16.65 -7.86 -4.34
C SER A 47 17.65 -8.91 -4.84
N VAL A 48 18.59 -9.28 -3.99
CA VAL A 48 19.67 -10.14 -4.44
C VAL A 48 19.18 -11.50 -4.92
N HIS A 49 18.18 -12.08 -4.24
CA HIS A 49 17.67 -13.37 -4.68
C HIS A 49 16.93 -13.26 -6.01
N ALA A 50 16.24 -12.13 -6.22
CA ALA A 50 15.58 -11.91 -7.51
C ALA A 50 16.64 -11.84 -8.60
N LYS A 51 17.71 -11.10 -8.34
CA LYS A 51 18.79 -11.03 -9.32
C LYS A 51 19.40 -12.39 -9.57
N VAL A 53 18.06 -15.54 -9.21
CA VAL A 53 17.23 -16.46 -9.98
C VAL A 53 17.01 -15.98 -11.41
N LEU A 54 17.03 -14.67 -11.63
CA LEU A 54 17.03 -14.16 -13.01
C LEU A 54 18.33 -14.54 -13.72
N LYS A 55 19.45 -14.42 -13.02
CA LYS A 55 20.75 -14.79 -13.60
C LYS A 55 20.76 -16.25 -14.05
N GLU A 56 20.07 -17.12 -13.31
CA GLU A 56 20.03 -18.54 -13.66
C GLU A 56 19.38 -18.77 -15.02
N LYS A 57 18.52 -17.85 -15.43
CA LYS A 57 17.87 -17.93 -16.73
C LYS A 57 18.48 -16.98 -17.76
N GLY A 58 19.68 -16.49 -17.47
CA GLY A 58 20.44 -15.66 -18.39
C GLY A 58 20.08 -14.19 -18.41
N ILE A 59 19.33 -13.73 -17.41
CA ILE A 59 18.85 -12.37 -17.39
C ILE A 59 19.62 -11.56 -16.37
N GLU A 60 20.22 -10.46 -16.81
CA GLU A 60 20.99 -9.57 -15.94
C GLU A 60 20.62 -8.15 -16.30
N ALA A 61 19.38 -7.79 -16.00
CA ALA A 61 18.84 -6.52 -16.43
C ALA A 61 18.98 -5.46 -15.32
N ALA A 62 19.08 -4.21 -15.74
CA ALA A 62 19.08 -3.10 -14.79
C ALA A 62 17.65 -2.91 -14.29
N HIS A 63 17.51 -2.80 -12.97
CA HIS A 63 16.22 -2.43 -12.39
C HIS A 63 16.41 -1.33 -11.37
N ARG A 64 15.55 -0.32 -11.45
CA ARG A 64 15.43 0.70 -10.40
C ARG A 64 13.99 0.73 -9.94
N SER A 65 13.77 0.57 -8.64
CA SER A 65 12.40 0.57 -8.11
C SER A 65 11.71 1.91 -8.33
N SER A 66 10.39 1.86 -8.51
CA SER A 66 9.59 3.06 -8.72
C SER A 66 8.30 2.95 -7.92
N GLN A 67 7.92 4.06 -7.29
CA GLN A 67 6.59 4.17 -6.69
C GLN A 67 5.54 4.31 -7.79
N LEU A 68 4.50 3.48 -7.71
CA LEU A 68 3.37 3.54 -8.61
C LEU A 68 2.63 4.87 -8.50
N LYS A 69 2.49 5.56 -9.62
CA LYS A 69 1.83 6.85 -9.66
C LYS A 69 0.82 6.90 -10.79
N LYS A 70 -0.05 7.92 -10.75
CA LYS A 70 -1.06 8.15 -11.77
C LYS A 70 -0.48 8.06 -13.18
N GLU A 71 0.72 8.57 -13.36
CA GLU A 71 1.38 8.59 -14.65
C GLU A 71 1.62 7.18 -15.20
N HIS A 72 1.93 6.22 -14.32
CA HIS A 72 2.13 4.83 -14.75
C HIS A 72 0.80 4.23 -15.17
N ILE A 73 -0.25 4.56 -14.42
CA ILE A 73 -1.59 4.06 -14.69
C ILE A 73 -2.06 4.54 -16.06
N ASP A 74 -1.84 5.81 -16.36
CA ASP A 74 -2.25 6.38 -17.64
C ASP A 74 -1.41 5.87 -18.81
N TRP A 75 -0.15 5.54 -18.54
CA TRP A 75 0.74 4.98 -19.56
C TRP A 75 0.31 3.57 -19.97
N ALA A 76 -0.07 2.76 -18.98
CA ALA A 76 -0.35 1.34 -19.20
C ALA A 76 -1.59 1.08 -20.05
N THR A 77 -1.49 0.10 -20.95
CA THR A 77 -2.67 -0.47 -21.56
C THR A 77 -3.20 -1.58 -20.66
N HIS A 78 -2.31 -2.23 -19.92
CA HIS A 78 -2.68 -3.31 -19.01
C HIS A 78 -1.85 -3.19 -17.74
N VAL A 79 -2.53 -3.18 -16.60
CA VAL A 79 -1.87 -3.18 -15.31
C VAL A 79 -2.03 -4.57 -14.75
N LEU A 80 -0.92 -5.28 -14.61
CA LEU A 80 -0.94 -6.67 -14.23
C LEU A 80 -0.35 -6.83 -12.85
N ALA A 81 -1.22 -7.05 -11.88
CA ALA A 81 -0.86 -7.13 -10.49
C ALA A 81 -0.34 -8.53 -10.15
N THR A 83 -0.82 -10.03 -7.27
CA THR A 83 -1.79 -10.70 -6.41
C THR A 83 -3.13 -9.98 -6.49
N SER A 84 -4.20 -10.64 -6.05
CA SER A 84 -5.50 -9.98 -6.00
C SER A 84 -5.51 -8.80 -5.02
N GLY A 85 -4.78 -8.93 -3.92
CA GLY A 85 -4.64 -7.84 -2.95
C GLY A 85 -4.08 -6.60 -3.61
N HIS A 86 -3.06 -6.78 -4.46
CA HIS A 86 -2.49 -5.65 -5.17
C HIS A 86 -3.51 -5.09 -6.16
N LYS A 87 -4.19 -5.98 -6.89
CA LYS A 87 -5.23 -5.54 -7.81
C LYS A 87 -6.27 -4.70 -7.09
N ASP A 88 -6.73 -5.18 -5.94
CA ASP A 88 -7.75 -4.46 -5.18
C ASP A 88 -7.25 -3.11 -4.71
N ILE A 90 -4.90 -1.26 -6.15
CA ILE A 90 -4.76 -0.40 -7.32
C ILE A 90 -6.09 0.19 -7.75
N VAL A 91 -7.12 -0.64 -7.79
CA VAL A 91 -8.44 -0.21 -8.26
C VAL A 91 -9.12 0.72 -7.25
N GLU A 92 -8.88 0.50 -5.97
CA GLU A 92 -9.43 1.39 -4.95
C GLU A 92 -8.75 2.76 -5.02
N ARG A 93 -7.44 2.76 -5.21
CA ARG A 93 -6.66 4.00 -5.27
C ARG A 93 -6.86 4.75 -6.58
N PHE A 94 -6.91 3.98 -7.68
CA PHE A 94 -7.10 4.50 -9.02
C PHE A 94 -8.31 3.86 -9.70
N PRO A 95 -9.52 4.30 -9.33
CA PRO A 95 -10.77 3.72 -9.87
C PRO A 95 -10.83 3.77 -11.39
N GLU A 96 -10.19 4.78 -11.97
CA GLU A 96 -10.18 4.93 -13.43
C GLU A 96 -9.41 3.80 -14.13
N ALA A 97 -8.64 3.03 -13.34
CA ALA A 97 -7.87 1.90 -13.86
C ALA A 97 -8.62 0.56 -13.86
N LYS A 98 -9.87 0.56 -13.42
CA LYS A 98 -10.58 -0.69 -13.13
C LYS A 98 -10.71 -1.62 -14.34
N ASP A 99 -10.92 -1.05 -15.53
CA ASP A 99 -11.16 -1.88 -16.71
C ASP A 99 -9.89 -2.53 -17.23
N LYS A 100 -8.73 -2.01 -16.82
CA LYS A 100 -7.47 -2.51 -17.38
C LYS A 100 -6.53 -3.08 -16.34
N THR A 101 -7.04 -3.29 -15.13
CA THR A 101 -6.21 -3.84 -14.06
C THR A 101 -6.65 -5.27 -13.76
N PHE A 102 -5.71 -6.20 -13.81
CA PHE A 102 -6.02 -7.61 -13.60
C PHE A 102 -4.88 -8.18 -12.78
N THR A 103 -5.08 -9.33 -12.16
CA THR A 103 -3.91 -10.10 -11.74
C THR A 103 -3.31 -10.72 -12.99
N LEU A 104 -2.01 -10.93 -13.00
CA LEU A 104 -1.36 -11.58 -14.13
C LEU A 104 -2.02 -12.93 -14.43
N LYS A 105 -2.30 -13.69 -13.38
CA LYS A 105 -2.93 -15.01 -13.52
C LYS A 105 -4.30 -14.94 -14.17
N GLN A 106 -5.14 -14.03 -13.70
CA GLN A 106 -6.50 -13.93 -14.26
C GLN A 106 -6.45 -13.51 -15.72
N PHE A 107 -5.52 -12.62 -16.06
CA PHE A 107 -5.46 -12.10 -17.42
C PHE A 107 -5.06 -13.14 -18.46
N VAL A 108 -4.18 -14.07 -18.09
CA VAL A 108 -3.73 -15.06 -19.05
C VAL A 108 -4.41 -16.43 -18.91
N SER A 109 -5.09 -16.67 -17.79
CA SER A 109 -5.63 -18.02 -17.53
C SER A 109 -7.13 -18.08 -17.29
N GLY A 110 -7.75 -16.97 -16.94
CA GLY A 110 -9.18 -16.96 -16.65
C GLY A 110 -9.56 -17.47 -15.27
N THR A 111 -8.61 -18.02 -14.54
CA THR A 111 -8.83 -18.30 -13.13
C THR A 111 -7.93 -17.38 -12.33
N ASP A 112 -8.15 -17.30 -11.02
CA ASP A 112 -7.34 -16.40 -10.24
C ASP A 112 -6.29 -17.11 -9.41
N GLY A 113 -5.25 -16.37 -9.03
CA GLY A 113 -4.16 -16.91 -8.25
C GLY A 113 -3.17 -15.79 -8.00
N ASP A 114 -2.40 -15.93 -6.93
CA ASP A 114 -1.35 -14.98 -6.59
C ASP A 114 -0.01 -15.60 -6.90
N ILE A 115 0.93 -14.77 -7.34
CA ILE A 115 2.31 -15.21 -7.52
C ILE A 115 2.90 -15.48 -6.14
N ALA A 116 3.62 -16.58 -5.99
CA ALA A 116 4.24 -16.94 -4.70
C ALA A 116 5.00 -15.77 -4.09
N ASP A 117 4.79 -15.54 -2.79
CA ASP A 117 5.46 -14.47 -2.07
C ASP A 117 6.67 -14.99 -1.30
N PRO A 118 7.89 -14.59 -1.71
CA PRO A 118 9.04 -15.09 -0.93
C PRO A 118 9.13 -14.52 0.50
N PHE A 119 8.45 -13.40 0.75
CA PHE A 119 8.56 -12.68 2.03
C PHE A 119 10.03 -12.39 2.35
N GLY A 120 10.81 -12.04 1.34
CA GLY A 120 12.22 -11.81 1.52
C GLY A 120 12.96 -13.05 2.01
N GLY A 121 12.39 -14.21 1.71
CA GLY A 121 12.88 -15.49 2.22
C GLY A 121 13.92 -16.18 1.36
N PRO A 122 13.99 -17.52 1.47
CA PRO A 122 15.05 -18.30 0.84
C PRO A 122 15.00 -18.22 -0.67
N ILE A 123 16.13 -18.43 -1.32
CA ILE A 123 16.19 -18.35 -2.76
C ILE A 123 15.21 -19.32 -3.42
N GLU A 124 14.92 -20.42 -2.74
CA GLU A 124 14.01 -21.42 -3.29
C GLU A 124 12.62 -20.86 -3.56
N VAL A 125 12.16 -19.96 -2.72
CA VAL A 125 10.84 -19.37 -2.93
C VAL A 125 10.88 -18.32 -4.04
N TYR A 126 12.00 -17.60 -4.16
CA TYR A 126 12.19 -16.73 -5.32
C TYR A 126 12.18 -17.52 -6.61
N ARG A 127 12.79 -18.71 -6.58
CA ARG A 127 12.83 -19.54 -7.78
C ARG A 127 11.42 -20.04 -8.10
N ALA A 128 10.65 -20.40 -7.09
CA ALA A 128 9.28 -20.86 -7.29
C ALA A 128 8.45 -19.75 -7.94
N ALA A 129 8.61 -18.53 -7.43
CA ALA A 129 7.91 -17.37 -7.99
C ALA A 129 8.34 -17.12 -9.44
N ARG A 130 9.64 -17.19 -9.68
CA ARG A 130 10.15 -17.02 -11.04
C ARG A 130 9.54 -18.04 -12.00
N ASP A 131 9.44 -19.28 -11.55
CA ASP A 131 8.94 -20.35 -12.41
C ASP A 131 7.47 -20.14 -12.73
N GLU A 132 6.71 -19.71 -11.74
CA GLU A 132 5.29 -19.37 -11.96
C GLU A 132 5.20 -18.25 -12.97
N LEU A 133 6.02 -17.22 -12.78
CA LEU A 133 6.03 -16.07 -13.68
C LEU A 133 6.45 -16.44 -15.08
N GLU A 134 7.44 -17.31 -15.22
CA GLU A 134 7.90 -17.70 -16.55
C GLU A 134 6.76 -18.34 -17.34
N THR A 135 6.02 -19.24 -16.68
CA THR A 135 4.91 -19.93 -17.31
C THR A 135 3.84 -18.93 -17.74
N LEU A 136 3.49 -18.03 -16.83
CA LEU A 136 2.45 -17.06 -17.14
C LEU A 136 2.88 -16.03 -18.18
N ILE A 137 4.14 -15.67 -18.19
CA ILE A 137 4.63 -14.68 -19.13
C ILE A 137 4.78 -15.27 -20.53
N ASP A 138 5.10 -16.57 -20.60
CA ASP A 138 5.07 -17.27 -21.87
C ASP A 138 3.65 -17.23 -22.43
N ARG A 139 2.65 -17.49 -21.59
CA ARG A 139 1.26 -17.45 -22.04
C ARG A 139 0.85 -16.04 -22.42
N LEU A 140 1.33 -15.06 -21.66
CA LEU A 140 1.07 -13.66 -21.98
C LEU A 140 1.62 -13.28 -23.35
N ALA A 141 2.86 -13.70 -23.61
CA ALA A 141 3.48 -13.43 -24.91
C ALA A 141 2.64 -14.01 -26.04
N GLU A 142 2.23 -15.26 -25.87
CA GLU A 142 1.41 -15.92 -26.87
C GLU A 142 0.08 -15.21 -27.08
N LYS A 143 -0.53 -14.78 -25.99
CA LYS A 143 -1.81 -14.07 -26.06
C LYS A 143 -1.67 -12.76 -26.83
N LEU A 144 -0.66 -11.97 -26.51
CA LEU A 144 -0.48 -10.67 -27.17
C LEU A 144 -0.15 -10.83 -28.64
N GLN A 145 0.77 -11.74 -28.94
CA GLN A 145 1.19 -11.94 -30.33
C GLN A 145 0.08 -12.54 -31.19
N THR A 146 -0.74 -13.41 -30.60
CA THR A 146 -1.90 -13.95 -31.31
C THR A 146 -2.85 -12.81 -31.71
N GLU A 147 -3.09 -11.88 -30.78
CA GLU A 147 -3.94 -10.74 -31.06
C GLU A 147 -3.33 -9.85 -32.15
N GLN A 148 -2.04 -9.58 -32.03
CA GLN A 148 -1.36 -8.74 -33.01
C GLN A 148 -1.45 -9.34 -34.41
N LEU A 149 -1.21 -10.64 -34.52
CA LEU A 149 -1.24 -11.31 -35.83
C LEU A 149 -2.65 -11.32 -36.39
N GLU A 150 -3.63 -11.60 -35.55
CA GLU A 150 -5.02 -11.69 -36.00
C GLU A 150 -5.52 -10.36 -36.58
N HIS A 151 -5.05 -9.25 -36.03
CA HIS A 151 -5.52 -7.94 -36.47
C HIS A 151 -4.52 -7.18 -37.33
N HIS A 152 -3.48 -7.87 -37.75
CA HIS A 152 -2.49 -7.24 -38.63
C HIS A 152 -3.08 -7.05 -40.03
N HIS A 153 -2.97 -5.83 -40.55
CA HIS A 153 -3.39 -5.56 -41.91
C HIS A 153 -2.33 -4.75 -42.67
N HIS A 154 -2.20 -5.06 -43.96
CA HIS A 154 -1.48 -4.21 -44.94
C HIS A 154 0.03 -4.02 -44.75
N HIS A 155 0.69 -3.62 -45.84
CA HIS A 155 2.13 -3.44 -45.91
C HIS A 155 2.61 -2.16 -45.25
N PRO B 2 6.99 16.06 24.25
CA PRO B 2 6.09 16.49 23.17
C PRO B 2 5.76 15.30 22.26
N TYR B 3 4.48 14.97 22.18
CA TYR B 3 4.04 13.85 21.36
C TYR B 3 3.59 14.31 19.99
N ARG B 4 4.02 13.56 18.98
CA ARG B 4 3.55 13.80 17.62
C ARG B 4 3.00 12.47 17.13
N ILE B 5 1.67 12.35 17.21
CA ILE B 5 0.98 11.10 16.92
C ILE B 5 0.52 11.08 15.47
N LEU B 6 0.96 10.07 14.73
CA LEU B 6 0.59 9.90 13.33
C LEU B 6 -0.27 8.65 13.17
N PHE B 7 -1.55 8.82 12.83
CA PHE B 7 -2.43 7.68 12.58
C PHE B 7 -2.39 7.30 11.10
N VAL B 8 -2.33 6.00 10.82
CA VAL B 8 -2.14 5.53 9.45
C VAL B 8 -3.11 4.41 9.07
N CYS B 9 -3.82 4.61 7.94
CA CYS B 9 -4.53 3.53 7.26
C CYS B 9 -4.09 3.49 5.79
N THR B 10 -4.94 3.06 4.87
CA THR B 10 -4.53 2.98 3.46
C THR B 10 -4.90 4.27 2.72
N GLY B 11 -6.19 4.57 2.63
CA GLY B 11 -6.65 5.70 1.86
C GLY B 11 -6.72 7.04 2.58
N ASN B 12 -6.59 7.01 3.91
CA ASN B 12 -6.66 8.23 4.71
C ASN B 12 -7.96 9.01 4.47
N THR B 13 -9.06 8.28 4.35
CA THR B 13 -10.38 8.90 4.27
C THR B 13 -11.34 8.42 5.35
N CYS B 14 -11.07 7.25 5.94
CA CYS B 14 -12.01 6.65 6.86
C CYS B 14 -11.44 6.42 8.26
N ARG B 15 -10.72 5.32 8.48
CA ARG B 15 -10.25 5.02 9.84
C ARG B 15 -9.28 6.05 10.43
N SER B 16 -8.17 6.31 9.77
CA SER B 16 -7.18 7.22 10.36
C SER B 16 -7.67 8.67 10.54
N PRO B 17 -8.49 9.20 9.60
CA PRO B 17 -9.03 10.53 9.88
C PRO B 17 -9.96 10.53 11.08
N ALA B 19 -9.65 8.49 13.76
CA ALA B 19 -8.74 8.42 14.91
C ALA B 19 -8.13 9.78 15.21
N ALA B 20 -7.65 10.45 14.18
CA ALA B 20 -7.02 11.76 14.34
C ALA B 20 -8.02 12.78 14.88
N ALA B 21 -9.22 12.79 14.31
CA ALA B 21 -10.24 13.76 14.74
C ALA B 21 -10.64 13.54 16.20
N LEU B 22 -10.77 12.28 16.59
CA LEU B 22 -11.16 11.98 17.97
C LEU B 22 -10.07 12.40 18.95
N LEU B 23 -8.81 12.21 18.58
CA LEU B 23 -7.73 12.58 19.50
C LEU B 23 -7.58 14.09 19.54
N GLU B 24 -7.60 14.73 18.37
CA GLU B 24 -7.49 16.18 18.25
C GLU B 24 -8.59 16.90 19.02
N ASN B 25 -9.78 16.30 19.02
CA ASN B 25 -10.94 16.88 19.72
C ASN B 25 -10.70 17.07 21.23
N LYS B 26 -9.80 16.27 21.78
CA LYS B 26 -9.49 16.33 23.20
C LYS B 26 -8.61 17.52 23.55
N GLN B 27 -7.91 18.07 22.55
CA GLN B 27 -7.03 19.22 22.73
C GLN B 27 -6.05 19.00 23.89
N LEU B 28 -5.41 17.84 23.89
CA LEU B 28 -4.44 17.52 24.93
C LEU B 28 -3.21 18.42 24.79
N PRO B 29 -2.79 19.06 25.90
CA PRO B 29 -1.58 19.86 25.80
C PRO B 29 -0.36 18.99 25.49
N GLY B 30 0.54 19.50 24.68
CA GLY B 30 1.77 18.77 24.38
C GLY B 30 1.58 17.61 23.43
N VAL B 31 0.42 17.55 22.77
CA VAL B 31 0.14 16.47 21.82
C VAL B 31 -0.26 17.07 20.49
N GLU B 32 0.44 16.68 19.42
CA GLU B 32 0.04 17.07 18.07
C GLU B 32 -0.35 15.82 17.31
N VAL B 33 -1.28 15.98 16.37
CA VAL B 33 -1.92 14.87 15.69
C VAL B 33 -1.93 15.07 14.18
N LYS B 34 -1.53 14.04 13.44
CA LYS B 34 -1.70 14.01 11.99
C LYS B 34 -2.17 12.63 11.57
N SER B 35 -2.63 12.53 10.33
CA SER B 35 -2.91 11.25 9.72
C SER B 35 -2.43 11.19 8.28
N ALA B 36 -2.18 9.98 7.81
CA ALA B 36 -1.77 9.76 6.43
C ALA B 36 -2.13 8.36 6.01
N GLY B 37 -2.09 8.11 4.71
CA GLY B 37 -2.43 6.80 4.18
C GLY B 37 -1.27 6.19 3.43
N VAL B 38 -1.09 4.89 3.56
CA VAL B 38 -0.01 4.21 2.84
C VAL B 38 -0.18 4.29 1.32
N PHE B 39 -1.41 4.45 0.84
CA PHE B 39 -1.67 4.51 -0.61
C PHE B 39 -2.88 5.39 -0.79
N ALA B 40 -2.65 6.70 -0.81
CA ALA B 40 -3.72 7.66 -0.72
C ALA B 40 -3.56 8.84 -1.66
N ALA B 41 -4.70 9.34 -2.13
CA ALA B 41 -4.73 10.59 -2.89
C ALA B 41 -4.44 11.78 -1.98
N GLU B 42 -4.05 12.90 -2.59
CA GLU B 42 -3.89 14.15 -1.87
C GLU B 42 -5.16 15.00 -1.95
N GLY B 43 -5.60 15.51 -0.80
CA GLY B 43 -6.65 16.51 -0.74
C GLY B 43 -8.08 16.02 -0.77
N SER B 44 -8.28 14.71 -0.63
CA SER B 44 -9.63 14.16 -0.60
C SER B 44 -10.28 14.42 0.76
N GLU B 45 -11.61 14.53 0.75
CA GLU B 45 -12.34 14.68 2.00
C GLU B 45 -12.39 13.34 2.74
N ALA B 46 -12.62 13.38 4.05
CA ALA B 46 -12.99 12.16 4.75
C ALA B 46 -14.31 11.68 4.13
N SER B 47 -14.53 10.36 4.16
CA SER B 47 -15.73 9.82 3.54
C SER B 47 -16.98 10.31 4.25
N VAL B 48 -18.10 10.29 3.54
CA VAL B 48 -19.32 10.89 4.08
C VAL B 48 -19.79 10.24 5.38
N HIS B 49 -19.70 8.92 5.48
CA HIS B 49 -20.12 8.25 6.71
C HIS B 49 -19.17 8.56 7.86
N ALA B 50 -17.87 8.70 7.57
CA ALA B 50 -16.92 9.11 8.61
C ALA B 50 -17.27 10.50 9.11
N LYS B 51 -17.57 11.42 8.19
CA LYS B 51 -17.95 12.77 8.58
C LYS B 51 -19.25 12.75 9.39
N VAL B 53 -20.62 10.23 11.31
CA VAL B 53 -20.50 9.67 12.66
C VAL B 53 -19.63 10.57 13.55
N LEU B 54 -18.68 11.28 12.96
CA LEU B 54 -17.93 12.27 13.72
C LEU B 54 -18.82 13.45 14.14
N LYS B 55 -19.71 13.87 13.26
CA LYS B 55 -20.64 14.97 13.55
C LYS B 55 -21.56 14.61 14.71
N GLU B 56 -21.93 13.34 14.82
CA GLU B 56 -22.76 12.89 15.94
C GLU B 56 -22.09 13.18 17.28
N LYS B 57 -20.75 13.24 17.28
CA LYS B 57 -19.99 13.51 18.48
C LYS B 57 -19.54 14.97 18.57
N GLY B 58 -20.12 15.81 17.72
CA GLY B 58 -19.79 17.23 17.71
C GLY B 58 -18.58 17.65 16.92
N ILE B 59 -17.96 16.70 16.21
CA ILE B 59 -16.70 16.94 15.51
C ILE B 59 -16.92 17.25 14.04
N GLU B 60 -16.33 18.35 13.58
CA GLU B 60 -16.33 18.70 12.16
C GLU B 60 -14.90 19.11 11.80
N ALA B 61 -14.11 18.14 11.36
CA ALA B 61 -12.65 18.26 11.30
C ALA B 61 -12.05 18.93 10.06
N ALA B 62 -12.81 19.04 8.98
CA ALA B 62 -12.29 19.58 7.71
C ALA B 62 -11.03 18.83 7.24
N HIS B 63 -11.11 17.51 7.24
CA HIS B 63 -9.99 16.65 6.86
C HIS B 63 -9.63 16.74 5.37
N ARG B 64 -8.32 16.67 5.08
CA ARG B 64 -7.82 16.50 3.72
C ARG B 64 -6.80 15.37 3.69
N SER B 65 -7.00 14.41 2.79
CA SER B 65 -6.20 13.18 2.77
C SER B 65 -4.75 13.46 2.37
N SER B 66 -3.85 12.64 2.90
CA SER B 66 -2.41 12.78 2.64
C SER B 66 -1.80 11.43 2.39
N GLN B 67 -0.94 11.35 1.36
CA GLN B 67 -0.09 10.19 1.19
C GLN B 67 1.03 10.20 2.25
N LEU B 68 1.18 9.08 2.94
CA LEU B 68 2.27 8.91 3.90
C LEU B 68 3.64 9.00 3.22
N LYS B 69 4.45 9.94 3.68
CA LYS B 69 5.79 10.17 3.16
C LYS B 69 6.83 10.19 4.25
N LYS B 70 8.09 10.15 3.84
CA LYS B 70 9.23 10.26 4.72
C LYS B 70 9.08 11.41 5.73
N GLU B 71 8.59 12.56 5.26
CA GLU B 71 8.44 13.72 6.16
C GLU B 71 7.53 13.43 7.35
N HIS B 72 6.46 12.67 7.14
CA HIS B 72 5.56 12.32 8.24
C HIS B 72 6.21 11.35 9.21
N ILE B 73 6.94 10.38 8.67
CA ILE B 73 7.64 9.40 9.48
C ILE B 73 8.66 10.08 10.41
N ASP B 74 9.38 11.07 9.87
CA ASP B 74 10.38 11.81 10.65
C ASP B 74 9.71 12.68 11.70
N TRP B 75 8.57 13.26 11.33
CA TRP B 75 7.81 14.13 12.24
C TRP B 75 7.29 13.36 13.47
N ALA B 76 6.80 12.14 13.24
CA ALA B 76 6.13 11.36 14.28
C ALA B 76 7.04 10.95 15.44
N THR B 77 6.51 11.00 16.66
CA THR B 77 7.11 10.30 17.79
C THR B 77 6.53 8.90 17.88
N HIS B 78 5.28 8.75 17.40
CA HIS B 78 4.59 7.48 17.46
C HIS B 78 3.78 7.36 16.20
N VAL B 79 3.99 6.27 15.46
CA VAL B 79 3.20 5.98 14.29
C VAL B 79 2.24 4.87 14.68
N LEU B 80 0.96 5.19 14.70
CA LEU B 80 -0.06 4.27 15.18
C LEU B 80 -0.92 3.80 14.02
N ALA B 81 -0.66 2.56 13.60
CA ALA B 81 -1.33 1.96 12.46
C ALA B 81 -2.67 1.37 12.87
N THR B 83 -4.04 -1.39 11.58
CA THR B 83 -3.98 -2.84 11.57
C THR B 83 -2.54 -3.30 11.57
N SER B 84 -2.34 -4.59 11.87
CA SER B 84 -1.00 -5.17 11.81
C SER B 84 -0.45 -5.15 10.38
N GLY B 85 -1.32 -5.28 9.38
CA GLY B 85 -0.90 -5.22 8.00
C GLY B 85 -0.35 -3.85 7.63
N HIS B 86 -1.00 -2.79 8.12
CA HIS B 86 -0.47 -1.44 7.92
C HIS B 86 0.87 -1.29 8.62
N LYS B 87 0.93 -1.72 9.89
CA LYS B 87 2.20 -1.68 10.63
C LYS B 87 3.32 -2.33 9.83
N ASP B 88 3.06 -3.54 9.33
CA ASP B 88 4.06 -4.28 8.58
C ASP B 88 4.49 -3.52 7.33
N ILE B 90 4.40 -0.26 6.79
CA ILE B 90 5.13 0.93 7.17
C ILE B 90 6.58 0.58 7.52
N VAL B 91 6.76 -0.48 8.28
CA VAL B 91 8.10 -0.86 8.75
C VAL B 91 8.94 -1.38 7.59
N GLU B 92 8.31 -2.06 6.64
CA GLU B 92 9.04 -2.53 5.48
C GLU B 92 9.48 -1.36 4.61
N ARG B 93 8.59 -0.39 4.43
CA ARG B 93 8.90 0.76 3.58
C ARG B 93 9.85 1.74 4.24
N PHE B 94 9.70 1.91 5.56
CA PHE B 94 10.48 2.86 6.34
C PHE B 94 11.07 2.15 7.56
N PRO B 95 12.14 1.36 7.35
CA PRO B 95 12.67 0.55 8.46
C PRO B 95 13.17 1.40 9.61
N GLU B 96 13.53 2.64 9.31
CA GLU B 96 13.98 3.57 10.34
C GLU B 96 12.88 3.90 11.35
N ALA B 97 11.64 3.54 11.01
CA ALA B 97 10.48 3.79 11.88
C ALA B 97 10.11 2.60 12.78
N LYS B 98 10.88 1.51 12.71
CA LYS B 98 10.50 0.28 13.39
C LYS B 98 10.32 0.42 14.91
N ASP B 99 11.13 1.26 15.54
CA ASP B 99 11.07 1.41 16.99
C ASP B 99 9.85 2.19 17.47
N LYS B 100 9.20 2.91 16.55
CA LYS B 100 8.11 3.81 16.97
C LYS B 100 6.80 3.54 16.24
N THR B 101 6.73 2.40 15.55
CA THR B 101 5.52 2.05 14.81
C THR B 101 4.81 0.91 15.52
N PHE B 102 3.53 1.11 15.83
CA PHE B 102 2.72 0.12 16.53
C PHE B 102 1.35 0.13 15.91
N THR B 103 0.58 -0.93 16.15
CA THR B 103 -0.85 -0.81 15.94
C THR B 103 -1.42 -0.01 17.10
N LEU B 104 -2.53 0.68 16.85
CA LEU B 104 -3.18 1.45 17.90
C LEU B 104 -3.56 0.54 19.07
N LYS B 105 -4.15 -0.62 18.77
CA LYS B 105 -4.59 -1.53 19.82
C LYS B 105 -3.44 -2.05 20.68
N GLN B 106 -2.35 -2.46 20.04
CA GLN B 106 -1.22 -2.97 20.79
C GLN B 106 -0.56 -1.87 21.63
N PHE B 107 -0.48 -0.64 21.11
CA PHE B 107 0.18 0.44 21.84
C PHE B 107 -0.57 0.79 23.13
N VAL B 108 -1.90 0.82 23.05
CA VAL B 108 -2.68 1.23 24.22
C VAL B 108 -3.07 0.06 25.15
N SER B 109 -3.21 -1.14 24.60
CA SER B 109 -3.69 -2.29 25.37
C SER B 109 -2.61 -3.33 25.67
N GLY B 110 -1.55 -3.35 24.86
CA GLY B 110 -0.49 -4.33 25.00
C GLY B 110 -0.77 -5.61 24.24
N THR B 111 -2.01 -5.76 23.76
CA THR B 111 -2.41 -6.96 23.03
C THR B 111 -2.69 -6.64 21.56
N ASP B 112 -2.20 -7.50 20.66
CA ASP B 112 -2.40 -7.35 19.22
C ASP B 112 -3.87 -7.24 18.87
N GLY B 113 -4.20 -6.39 17.89
CA GLY B 113 -5.55 -6.31 17.36
C GLY B 113 -5.66 -5.32 16.22
N ASP B 114 -6.67 -5.51 15.37
CA ASP B 114 -6.92 -4.63 14.24
C ASP B 114 -8.18 -3.81 14.42
N ILE B 115 -8.16 -2.58 13.93
CA ILE B 115 -9.40 -1.81 13.75
C ILE B 115 -9.97 -2.19 12.38
N ALA B 116 -11.16 -2.77 12.36
CA ALA B 116 -11.78 -3.23 11.11
C ALA B 116 -12.08 -2.07 10.15
N ASP B 117 -11.96 -2.34 8.85
CA ASP B 117 -12.19 -1.33 7.82
C ASP B 117 -13.69 -1.17 7.58
N PRO B 118 -14.23 0.02 7.82
CA PRO B 118 -15.66 0.27 7.55
C PRO B 118 -15.95 0.66 6.10
N PHE B 119 -14.91 0.86 5.29
CA PHE B 119 -15.07 1.36 3.93
C PHE B 119 -16.08 0.54 3.13
N GLY B 120 -16.99 1.25 2.47
CA GLY B 120 -18.02 0.59 1.68
C GLY B 120 -19.22 0.18 2.51
N GLY B 121 -19.12 0.32 3.82
CA GLY B 121 -20.16 -0.15 4.71
C GLY B 121 -21.20 0.90 5.03
N PRO B 122 -22.32 0.47 5.61
CA PRO B 122 -23.36 1.42 5.99
C PRO B 122 -22.95 2.21 7.23
N ILE B 123 -23.75 3.20 7.58
CA ILE B 123 -23.35 4.12 8.64
C ILE B 123 -23.10 3.43 9.98
N GLU B 124 -23.83 2.35 10.27
CA GLU B 124 -23.66 1.68 11.58
C GLU B 124 -22.33 0.95 11.68
N VAL B 125 -21.79 0.56 10.53
CA VAL B 125 -20.46 -0.01 10.49
C VAL B 125 -19.41 1.06 10.78
N TYR B 126 -19.61 2.26 10.25
CA TYR B 126 -18.73 3.39 10.59
C TYR B 126 -18.88 3.78 12.07
N ARG B 127 -20.11 3.71 12.58
CA ARG B 127 -20.36 4.07 13.97
C ARG B 127 -19.67 3.06 14.88
N ALA B 128 -19.67 1.79 14.47
CA ALA B 128 -18.96 0.77 15.24
C ALA B 128 -17.45 1.04 15.27
N ALA B 129 -16.87 1.36 14.11
CA ALA B 129 -15.46 1.73 14.06
C ALA B 129 -15.16 2.96 14.91
N ARG B 130 -16.02 3.97 14.81
CA ARG B 130 -15.86 5.17 15.62
C ARG B 130 -15.86 4.85 17.11
N ASP B 131 -16.79 3.98 17.53
CA ASP B 131 -16.88 3.63 18.96
C ASP B 131 -15.63 2.91 19.43
N GLU B 132 -15.13 1.98 18.62
CA GLU B 132 -13.90 1.28 18.96
C GLU B 132 -12.74 2.27 19.08
N LEU B 133 -12.66 3.18 18.12
CA LEU B 133 -11.61 4.19 18.11
C LEU B 133 -11.70 5.12 19.31
N GLU B 134 -12.91 5.50 19.69
CA GLU B 134 -13.07 6.45 20.79
C GLU B 134 -12.57 5.83 22.08
N THR B 135 -12.92 4.57 22.30
CA THR B 135 -12.44 3.87 23.49
C THR B 135 -10.90 3.83 23.52
N LEU B 136 -10.31 3.48 22.37
CA LEU B 136 -8.86 3.39 22.30
C LEU B 136 -8.19 4.76 22.45
N ILE B 137 -8.79 5.80 21.87
CA ILE B 137 -8.24 7.15 21.97
C ILE B 137 -8.37 7.71 23.40
N ASP B 138 -9.48 7.39 24.08
CA ASP B 138 -9.59 7.74 25.49
C ASP B 138 -8.46 7.10 26.29
N ARG B 139 -8.20 5.83 26.03
CA ARG B 139 -7.12 5.11 26.73
C ARG B 139 -5.75 5.66 26.34
N LEU B 140 -5.58 6.01 25.08
CA LEU B 140 -4.37 6.66 24.61
C LEU B 140 -4.13 7.99 25.33
N ALA B 141 -5.15 8.83 25.39
CA ALA B 141 -5.06 10.11 26.10
C ALA B 141 -4.62 9.93 27.55
N GLU B 142 -5.21 8.96 28.22
CA GLU B 142 -4.87 8.69 29.62
C GLU B 142 -3.42 8.22 29.72
N LYS B 143 -2.98 7.40 28.76
CA LYS B 143 -1.61 6.90 28.76
C LYS B 143 -0.61 8.05 28.62
N LEU B 144 -0.87 8.94 27.67
CA LEU B 144 0.04 10.03 27.37
C LEU B 144 0.11 11.00 28.54
N GLN B 145 -1.05 11.40 29.04
CA GLN B 145 -1.09 12.38 30.13
C GLN B 145 -0.50 11.84 31.41
N THR B 146 -0.68 10.54 31.66
CA THR B 146 -0.07 9.93 32.84
C THR B 146 1.45 10.01 32.73
N GLU B 147 1.99 9.72 31.56
CA GLU B 147 3.43 9.83 31.34
C GLU B 147 3.91 11.27 31.53
N GLN B 148 3.15 12.22 30.99
CA GLN B 148 3.51 13.63 31.07
C GLN B 148 3.58 14.10 32.52
N LEU B 149 2.58 13.73 33.30
CA LEU B 149 2.50 14.14 34.70
C LEU B 149 3.63 13.49 35.49
N GLU B 150 3.89 12.22 35.23
CA GLU B 150 4.93 11.47 35.94
C GLU B 150 6.31 12.08 35.78
N HIS B 151 6.59 12.64 34.61
CA HIS B 151 7.92 13.12 34.31
C HIS B 151 8.02 14.65 34.24
N HIS B 152 7.01 15.32 34.77
CA HIS B 152 7.01 16.76 34.83
C HIS B 152 7.95 17.29 35.91
N HIS B 153 8.85 18.19 35.52
CA HIS B 153 9.73 18.88 36.47
C HIS B 153 9.86 20.33 36.04
N HIS B 154 10.90 21.00 36.55
CA HIS B 154 11.11 22.45 36.31
C HIS B 154 9.94 23.30 36.83
N HIS B 155 10.00 24.60 36.62
CA HIS B 155 9.00 25.52 37.17
C HIS B 155 8.91 26.86 36.42
#